data_1Z19
#
_entry.id   1Z19
#
_cell.length_a   109.297
_cell.length_b   121.481
_cell.length_c   65.387
_cell.angle_alpha   90.00
_cell.angle_beta   90.00
_cell.angle_gamma   90.00
#
_symmetry.space_group_name_H-M   'P 21 21 2'
#
loop_
_entity.id
_entity.type
_entity.pdbx_description
1 polymer "5'-D(*CP*TP*CP*GP*TP*TP*CP*AP*GP*CP*TP*TP*TP*TP*TP*T)-3'"
2 polymer "5'-D(P*TP*TP*TP*AP*TP*AP*CP*TP*AP*AP*GP*TP*TP*GP*GP*CP*AP*TP*TP*A)-3'"
3 polymer 33-MER
4 polymer Integrase
5 water water
#
loop_
_entity_poly.entity_id
_entity_poly.type
_entity_poly.pdbx_seq_one_letter_code
_entity_poly.pdbx_strand_id
1 'polydeoxyribonucleotide' (DC)(DT)(DC)(DG)(DT)(DT)(DC)(DA)(DG)(DC)(DT)(DT)(DT)(DT)(DT)(DT) C
2 'polydeoxyribonucleotide' (DT)(DT)(DT)(DA)(DT)(DA)(DC)(DT)(DA)(DA)(DG)(DT)(DT)(DG)(DG)(DC)(DA)(DT)(DT)(DA) D
3 'polydeoxyribonucleotide'
;(DT)(DA)(DA)(DT)(DG)(DC)(DC)(DA)(DA)(DC)(DT)(DT)(DA)(DG)(DT)(DA)(DT)(DA)(DA)(DA)
(DA)(DA)(DA)(DG)(DC)(DT)(DG)(DA)(DA)(DC)(DG)(DA)(DG)
;
E
4 'polypeptide(L)'
;(MSE)TLHSWLDRYEKILASRGIKQKTLINY(MSE)SKIKAIRRGLPDAPLEDITTKEIAA(MSE)LNGYIDEGKAASAK
LIRSTLSDAFREAIAEGHITTNHVAATRAAKSKVRRSRLTADEYLKIYQAAESSPCWLRLA(MSE)ELAVVTGQRVGDLC
E(MSE)KWSDIVDGYLYVEQSKTGVKIAIPTALHIDALGIS(MSE)KETLDKCKEILGGETIIASTRREPLSSGTVSRYF
(MSE)RARKASGLSFEGDPPTFHELRSLSARLYEKQISDKFAQHLLGHKSDT(MSE)ASQ(PTR)RDDRGREWDKIEIK
;
A,B
#
loop_
_chem_comp.id
_chem_comp.type
_chem_comp.name
_chem_comp.formula
DA DNA linking 2'-DEOXYADENOSINE-5'-MONOPHOSPHATE 'C10 H14 N5 O6 P'
DC DNA linking 2'-DEOXYCYTIDINE-5'-MONOPHOSPHATE 'C9 H14 N3 O7 P'
DG DNA linking 2'-DEOXYGUANOSINE-5'-MONOPHOSPHATE 'C10 H14 N5 O7 P'
DT DNA linking THYMIDINE-5'-MONOPHOSPHATE 'C10 H15 N2 O8 P'
#
# COMPACT_ATOMS: atom_id res chain seq x y z
N MSE D 1 25.64 -3.94 -23.85
CA MSE D 1 27.07 -4.06 -24.29
C MSE D 1 27.90 -4.48 -23.11
O MSE D 1 27.92 -5.64 -22.73
CB MSE D 1 27.62 -2.72 -24.79
CG MSE D 1 26.64 -1.55 -24.76
SE MSE D 1 25.70 -1.33 -23.12
CE MSE D 1 24.00 -1.08 -23.93
N THR D 2 28.60 -3.50 -22.54
CA THR D 2 29.47 -3.76 -21.40
C THR D 2 28.79 -3.32 -20.09
N LEU D 3 29.18 -3.97 -18.99
CA LEU D 3 28.61 -3.66 -17.68
C LEU D 3 28.54 -2.17 -17.40
N HIS D 4 29.66 -1.47 -17.54
CA HIS D 4 29.67 -0.04 -17.27
C HIS D 4 28.93 0.78 -18.33
N SER D 5 29.00 0.37 -19.58
CA SER D 5 28.31 1.12 -20.61
C SER D 5 26.82 0.96 -20.36
N TRP D 6 26.47 -0.17 -19.73
CA TRP D 6 25.08 -0.45 -19.42
C TRP D 6 24.66 0.27 -18.16
N LEU D 7 25.47 0.20 -17.11
CA LEU D 7 25.15 0.89 -15.88
C LEU D 7 24.85 2.33 -16.27
N ASP D 8 25.50 2.79 -17.34
CA ASP D 8 25.29 4.15 -17.84
C ASP D 8 23.88 4.29 -18.38
N ARG D 9 23.48 3.33 -19.21
CA ARG D 9 22.15 3.34 -19.80
C ARG D 9 21.12 3.14 -18.68
N TYR D 10 21.42 2.21 -17.77
CA TYR D 10 20.54 1.88 -16.65
C TYR D 10 20.15 3.08 -15.79
N GLU D 11 21.10 3.97 -15.56
CA GLU D 11 20.86 5.15 -14.73
C GLU D 11 19.76 6.01 -15.31
N LYS D 12 19.90 6.33 -16.60
CA LYS D 12 18.93 7.15 -17.29
C LYS D 12 17.54 6.53 -17.25
N ILE D 13 17.46 5.21 -17.14
CA ILE D 13 16.16 4.53 -17.06
C ILE D 13 15.53 4.86 -15.72
N LEU D 14 16.33 4.71 -14.66
CA LEU D 14 15.88 4.96 -13.30
C LEU D 14 15.41 6.37 -13.18
N ALA D 15 16.12 7.28 -13.85
CA ALA D 15 15.79 8.69 -13.82
C ALA D 15 14.39 8.93 -14.35
N SER D 16 13.91 8.06 -15.24
CA SER D 16 12.57 8.23 -15.81
C SER D 16 11.53 7.50 -15.00
N ARG D 17 11.99 6.66 -14.07
CA ARG D 17 11.12 5.83 -13.25
C ARG D 17 10.05 6.49 -12.38
N GLY D 18 10.22 7.77 -12.04
CA GLY D 18 9.22 8.41 -11.20
C GLY D 18 9.29 7.93 -9.76
N ILE D 19 10.38 8.30 -9.10
CA ILE D 19 10.63 7.94 -7.72
C ILE D 19 11.14 9.21 -7.05
N LYS D 20 11.29 9.19 -5.73
CA LYS D 20 11.77 10.38 -5.06
C LYS D 20 13.28 10.52 -5.12
N GLN D 21 13.71 11.76 -5.12
CA GLN D 21 15.12 12.12 -5.19
C GLN D 21 16.01 11.27 -4.30
N LYS D 22 15.61 11.10 -3.05
CA LYS D 22 16.38 10.30 -2.11
C LYS D 22 16.51 8.86 -2.62
N THR D 23 15.40 8.28 -3.07
CA THR D 23 15.42 6.93 -3.60
C THR D 23 16.45 6.88 -4.72
N LEU D 24 16.29 7.76 -5.70
CA LEU D 24 17.21 7.78 -6.82
C LEU D 24 18.65 7.88 -6.31
N ILE D 25 18.88 8.74 -5.33
CA ILE D 25 20.23 8.85 -4.80
C ILE D 25 20.67 7.51 -4.20
N ASN D 26 19.77 6.84 -3.49
CA ASN D 26 20.10 5.54 -2.91
C ASN D 26 20.59 4.59 -4.00
N TYR D 27 19.88 4.61 -5.12
CA TYR D 27 20.20 3.78 -6.28
C TYR D 27 21.57 4.10 -6.88
N MSE D 28 21.84 5.38 -7.10
CA MSE D 28 23.10 5.80 -7.67
C MSE D 28 24.28 5.26 -6.91
O MSE D 28 25.28 4.86 -7.50
CB MSE D 28 23.17 7.32 -7.71
CG MSE D 28 22.20 7.96 -8.68
SE MSE D 28 22.57 7.54 -10.52
CE MSE D 28 23.91 8.86 -10.85
N SER D 29 24.18 5.27 -5.60
CA SER D 29 25.26 4.80 -4.75
C SER D 29 25.47 3.31 -4.92
N LYS D 30 24.40 2.55 -5.00
CA LYS D 30 24.53 1.11 -5.17
C LYS D 30 25.26 0.87 -6.49
N ILE D 31 24.88 1.61 -7.53
CA ILE D 31 25.50 1.48 -8.83
C ILE D 31 27.01 1.68 -8.74
N LYS D 32 27.43 2.75 -8.07
CA LYS D 32 28.86 3.03 -7.92
C LYS D 32 29.62 1.89 -7.23
N ALA D 33 28.99 1.27 -6.25
CA ALA D 33 29.65 0.19 -5.56
C ALA D 33 29.89 -0.89 -6.59
N ILE D 34 28.91 -1.07 -7.47
CA ILE D 34 29.01 -2.08 -8.51
C ILE D 34 30.12 -1.70 -9.47
N ARG D 35 30.17 -0.43 -9.83
CA ARG D 35 31.20 0.05 -10.75
C ARG D 35 32.60 -0.24 -10.23
N ARG D 36 32.80 -0.09 -8.92
CA ARG D 36 34.10 -0.34 -8.32
C ARG D 36 34.24 -1.80 -7.91
N GLY D 37 33.17 -2.57 -8.04
CA GLY D 37 33.24 -3.96 -7.65
C GLY D 37 33.31 -4.97 -8.78
N LEU D 38 32.95 -4.56 -9.98
CA LEU D 38 33.00 -5.48 -11.11
C LEU D 38 33.70 -4.89 -12.31
N PRO D 39 34.31 -5.75 -13.15
CA PRO D 39 35.03 -5.34 -14.35
C PRO D 39 34.09 -4.73 -15.34
N ASP D 40 34.64 -3.98 -16.29
CA ASP D 40 33.80 -3.39 -17.30
C ASP D 40 33.88 -4.37 -18.47
N ALA D 41 33.41 -5.59 -18.22
CA ALA D 41 33.41 -6.65 -19.21
C ALA D 41 32.03 -6.72 -19.87
N PRO D 42 31.90 -7.53 -20.93
CA PRO D 42 30.62 -7.69 -21.65
C PRO D 42 29.61 -8.34 -20.68
N LEU D 43 28.38 -7.85 -20.63
CA LEU D 43 27.41 -8.41 -19.71
C LEU D 43 27.43 -9.92 -19.73
N GLU D 44 27.46 -10.48 -20.94
CA GLU D 44 27.46 -11.93 -21.15
C GLU D 44 28.55 -12.69 -20.39
N ASP D 45 29.68 -12.03 -20.16
CA ASP D 45 30.81 -12.66 -19.48
C ASP D 45 30.84 -12.49 -17.97
N ILE D 46 29.91 -11.72 -17.41
CA ILE D 46 29.90 -11.53 -15.96
C ILE D 46 29.23 -12.68 -15.19
N THR D 47 30.06 -13.43 -14.48
CA THR D 47 29.64 -14.60 -13.74
C THR D 47 28.94 -14.45 -12.39
N THR D 48 28.11 -15.43 -12.08
CA THR D 48 27.43 -15.50 -10.79
C THR D 48 28.60 -15.57 -9.80
N LYS D 49 29.59 -16.38 -10.13
CA LYS D 49 30.76 -16.54 -9.29
C LYS D 49 31.35 -15.17 -8.94
N GLU D 50 31.54 -14.34 -9.94
CA GLU D 50 32.10 -13.01 -9.71
C GLU D 50 31.19 -12.19 -8.81
N ILE D 51 29.92 -12.09 -9.20
CA ILE D 51 28.97 -11.32 -8.43
C ILE D 51 28.97 -11.70 -6.97
N ALA D 52 28.88 -12.99 -6.70
CA ALA D 52 28.89 -13.45 -5.33
C ALA D 52 30.18 -12.99 -4.67
N ALA D 53 31.28 -13.11 -5.40
CA ALA D 53 32.58 -12.70 -4.88
C ALA D 53 32.51 -11.27 -4.36
N MSE D 54 31.87 -10.39 -5.11
CA MSE D 54 31.75 -9.00 -4.67
C MSE D 54 30.82 -8.89 -3.49
O MSE D 54 31.15 -8.26 -2.49
CB MSE D 54 31.21 -8.11 -5.78
CG MSE D 54 30.89 -6.72 -5.22
SE MSE D 54 29.67 -5.80 -6.28
CE MSE D 54 28.30 -7.15 -6.35
N LEU D 55 29.64 -9.48 -3.64
CA LEU D 55 28.64 -9.45 -2.59
C LEU D 55 29.18 -9.99 -1.27
N ASN D 56 30.08 -10.97 -1.33
CA ASN D 56 30.64 -11.52 -0.11
C ASN D 56 31.68 -10.56 0.45
N GLY D 57 32.33 -9.83 -0.43
CA GLY D 57 33.31 -8.86 0.01
C GLY D 57 32.66 -7.92 1.02
N TYR D 58 31.43 -7.50 0.76
CA TYR D 58 30.74 -6.62 1.68
C TYR D 58 30.31 -7.38 2.92
N ILE D 59 29.77 -8.57 2.73
CA ILE D 59 29.32 -9.35 3.85
C ILE D 59 30.45 -9.55 4.82
N ASP D 60 31.62 -9.89 4.31
CA ASP D 60 32.78 -10.10 5.16
C ASP D 60 33.11 -8.88 6.01
N GLU D 61 32.93 -7.69 5.48
CA GLU D 61 33.21 -6.50 6.26
C GLU D 61 32.02 -6.19 7.16
N GLY D 62 31.10 -7.15 7.28
CA GLY D 62 29.92 -6.99 8.11
C GLY D 62 28.88 -6.05 7.53
N LYS D 63 29.07 -5.63 6.28
CA LYS D 63 28.15 -4.72 5.63
C LYS D 63 27.09 -5.50 4.88
N ALA D 64 26.51 -6.47 5.59
CA ALA D 64 25.48 -7.32 5.03
C ALA D 64 24.33 -6.51 4.46
N ALA D 65 23.85 -5.55 5.24
CA ALA D 65 22.75 -4.70 4.81
C ALA D 65 23.03 -4.18 3.41
N SER D 66 24.24 -3.68 3.18
CA SER D 66 24.62 -3.14 1.90
C SER D 66 24.73 -4.22 0.84
N ALA D 67 25.21 -5.39 1.23
CA ALA D 67 25.35 -6.46 0.27
C ALA D 67 23.97 -6.72 -0.32
N LYS D 68 22.96 -6.77 0.54
CA LYS D 68 21.61 -7.05 0.08
C LYS D 68 21.10 -6.05 -0.94
N LEU D 69 21.23 -4.77 -0.61
CA LEU D 69 20.75 -3.71 -1.49
C LEU D 69 21.53 -3.63 -2.80
N ILE D 70 22.83 -3.88 -2.75
CA ILE D 70 23.60 -3.82 -3.97
C ILE D 70 23.15 -4.96 -4.87
N ARG D 71 22.95 -6.15 -4.28
CA ARG D 71 22.50 -7.30 -5.04
C ARG D 71 21.19 -7.00 -5.71
N SER D 72 20.27 -6.46 -4.92
CA SER D 72 18.95 -6.10 -5.37
C SER D 72 19.02 -5.23 -6.63
N THR D 73 19.82 -4.17 -6.56
CA THR D 73 19.99 -3.26 -7.69
C THR D 73 20.61 -3.95 -8.87
N LEU D 74 21.68 -4.68 -8.62
CA LEU D 74 22.39 -5.36 -9.69
C LEU D 74 21.39 -6.13 -10.51
N SER D 75 20.60 -6.96 -9.84
CA SER D 75 19.61 -7.78 -10.52
C SER D 75 18.65 -6.92 -11.31
N ASP D 76 18.25 -5.77 -10.78
CA ASP D 76 17.32 -4.94 -11.53
C ASP D 76 17.93 -4.45 -12.84
N ALA D 77 19.19 -4.03 -12.78
CA ALA D 77 19.84 -3.53 -13.97
C ALA D 77 20.01 -4.67 -14.99
N PHE D 78 20.26 -5.90 -14.53
CA PHE D 78 20.41 -7.03 -15.44
C PHE D 78 19.10 -7.37 -16.14
N ARG D 79 18.01 -7.29 -15.40
CA ARG D 79 16.69 -7.58 -15.94
C ARG D 79 16.42 -6.58 -17.06
N GLU D 80 16.65 -5.30 -16.79
CA GLU D 80 16.44 -4.28 -17.81
C GLU D 80 17.27 -4.59 -19.04
N ALA D 81 18.45 -5.18 -18.82
CA ALA D 81 19.31 -5.49 -19.93
C ALA D 81 18.73 -6.66 -20.73
N ILE D 82 18.11 -7.60 -20.04
CA ILE D 82 17.51 -8.74 -20.73
C ILE D 82 16.29 -8.27 -21.51
N ALA D 83 15.62 -7.25 -21.00
CA ALA D 83 14.44 -6.74 -21.71
C ALA D 83 14.90 -6.27 -23.07
N GLU D 84 16.02 -5.57 -23.09
CA GLU D 84 16.59 -5.08 -24.33
C GLU D 84 17.47 -6.16 -24.93
N GLY D 85 17.32 -7.37 -24.41
CA GLY D 85 18.08 -8.50 -24.92
C GLY D 85 19.59 -8.38 -25.07
N HIS D 86 20.25 -7.67 -24.16
CA HIS D 86 21.70 -7.56 -24.23
C HIS D 86 22.24 -8.83 -23.59
N ILE D 87 21.33 -9.56 -22.95
CA ILE D 87 21.64 -10.84 -22.31
C ILE D 87 20.38 -11.69 -22.32
N THR D 88 20.54 -12.96 -22.00
CA THR D 88 19.42 -13.88 -22.01
C THR D 88 19.10 -14.33 -20.61
N THR D 89 20.14 -14.40 -19.77
CA THR D 89 20.01 -14.85 -18.41
C THR D 89 20.43 -13.82 -17.37
N ASN D 90 19.77 -13.86 -16.21
CA ASN D 90 20.09 -12.95 -15.09
C ASN D 90 20.92 -13.77 -14.11
N HIS D 91 22.22 -13.58 -14.13
CA HIS D 91 23.10 -14.33 -13.26
C HIS D 91 23.09 -13.92 -11.79
N VAL D 92 22.34 -12.87 -11.46
CA VAL D 92 22.26 -12.44 -10.07
C VAL D 92 21.20 -13.29 -9.37
N ALA D 93 20.14 -13.63 -10.10
CA ALA D 93 19.06 -14.44 -9.55
C ALA D 93 19.49 -15.68 -8.79
N ALA D 94 20.51 -16.38 -9.23
CA ALA D 94 20.95 -17.59 -8.55
C ALA D 94 21.62 -17.30 -7.22
N THR D 95 22.01 -16.04 -7.04
CA THR D 95 22.69 -15.64 -5.81
C THR D 95 21.67 -15.45 -4.70
N ARG D 96 22.05 -15.74 -3.45
CA ARG D 96 21.10 -15.57 -2.35
C ARG D 96 21.32 -14.24 -1.64
N ALA D 97 20.25 -13.75 -1.02
CA ALA D 97 20.26 -12.49 -0.29
C ALA D 97 20.82 -12.68 1.10
N ALA D 98 21.73 -11.81 1.49
CA ALA D 98 22.31 -11.90 2.80
C ALA D 98 21.25 -11.47 3.81
N LYS D 99 20.92 -12.34 4.75
CA LYS D 99 19.94 -11.96 5.75
C LYS D 99 20.73 -11.30 6.89
N SER D 100 20.20 -10.21 7.45
CA SER D 100 20.89 -9.50 8.53
C SER D 100 19.94 -9.02 9.63
N LYS D 101 20.28 -9.34 10.87
CA LYS D 101 19.47 -8.91 12.00
C LYS D 101 19.81 -7.47 12.34
N VAL D 102 18.80 -6.64 12.57
CA VAL D 102 19.01 -5.24 12.93
C VAL D 102 19.75 -5.25 14.25
N ARG D 103 20.80 -4.43 14.35
CA ARG D 103 21.56 -4.39 15.58
C ARG D 103 21.25 -3.17 16.45
N ARG D 104 20.65 -2.14 15.86
CA ARG D 104 20.32 -0.93 16.60
C ARG D 104 19.50 -1.27 17.86
N SER D 105 19.91 -0.70 18.98
CA SER D 105 19.27 -0.94 20.26
C SER D 105 18.09 -0.01 20.53
N ARG D 106 17.12 -0.50 21.29
CA ARG D 106 15.92 0.27 21.63
C ARG D 106 16.23 1.28 22.74
N LEU D 107 15.27 2.17 22.99
CA LEU D 107 15.40 3.19 24.01
C LEU D 107 14.29 3.02 25.06
N THR D 108 14.68 2.93 26.32
CA THR D 108 13.73 2.78 27.43
C THR D 108 13.47 4.15 28.02
N ALA D 109 12.32 4.30 28.67
CA ALA D 109 11.94 5.57 29.26
C ALA D 109 12.99 6.12 30.24
N ASP D 110 13.65 5.24 30.98
CA ASP D 110 14.68 5.69 31.91
C ASP D 110 15.85 6.32 31.16
N GLU D 111 16.21 5.72 30.03
CA GLU D 111 17.31 6.22 29.23
C GLU D 111 16.96 7.53 28.56
N TYR D 112 15.73 7.63 28.08
CA TYR D 112 15.28 8.87 27.46
C TYR D 112 15.49 9.98 28.48
N LEU D 113 14.94 9.78 29.67
CA LEU D 113 15.07 10.77 30.75
C LEU D 113 16.53 11.09 30.95
N LYS D 114 17.36 10.06 31.05
CA LYS D 114 18.79 10.28 31.24
C LYS D 114 19.36 11.07 30.08
N ILE D 115 18.95 10.73 28.87
CA ILE D 115 19.48 11.46 27.73
C ILE D 115 18.98 12.90 27.75
N TYR D 116 17.70 13.06 28.05
CA TYR D 116 17.11 14.39 28.11
C TYR D 116 17.91 15.28 29.05
N GLN D 117 18.45 14.67 30.10
CA GLN D 117 19.25 15.42 31.08
C GLN D 117 20.57 15.92 30.52
N ALA D 118 21.25 15.09 29.72
CA ALA D 118 22.53 15.48 29.12
C ALA D 118 22.28 16.55 28.06
N ALA D 119 21.05 16.60 27.57
CA ALA D 119 20.68 17.58 26.57
C ALA D 119 20.84 19.02 27.04
N GLU D 120 20.91 19.24 28.34
CA GLU D 120 21.01 20.60 28.87
C GLU D 120 22.10 21.46 28.23
N SER D 121 23.20 20.85 27.84
CA SER D 121 24.28 21.60 27.22
C SER D 121 23.93 21.88 25.77
N SER D 122 22.91 21.20 25.28
CA SER D 122 22.46 21.35 23.89
C SER D 122 21.49 22.50 23.72
N PRO D 123 21.28 22.93 22.46
CA PRO D 123 20.37 24.04 22.19
C PRO D 123 19.05 23.69 22.83
N CYS D 124 18.21 24.69 23.05
CA CYS D 124 16.94 24.42 23.67
C CYS D 124 16.04 23.63 22.73
N TRP D 125 16.26 23.74 21.42
CA TRP D 125 15.39 23.00 20.52
C TRP D 125 15.58 21.50 20.57
N LEU D 126 16.75 21.02 20.99
CA LEU D 126 16.96 19.59 21.04
C LEU D 126 15.96 18.92 21.97
N ARG D 127 15.77 19.51 23.15
CA ARG D 127 14.84 18.97 24.11
C ARG D 127 13.40 19.00 23.61
N LEU D 128 12.97 20.14 23.11
CA LEU D 128 11.62 20.26 22.60
C LEU D 128 11.39 19.26 21.47
N ALA D 129 12.39 19.06 20.64
CA ALA D 129 12.29 18.11 19.55
C ALA D 129 12.07 16.71 20.18
N MSE D 130 12.97 16.29 21.06
CA MSE D 130 12.84 15.00 21.72
C MSE D 130 11.43 14.80 22.28
O MSE D 130 10.76 13.79 21.99
CB MSE D 130 13.84 14.89 22.85
CG MSE D 130 15.28 14.70 22.37
SE MSE D 130 16.53 14.77 23.82
CE MSE D 130 15.88 13.22 24.74
N GLU D 131 10.99 15.75 23.08
CA GLU D 131 9.66 15.71 23.69
C GLU D 131 8.58 15.60 22.62
N LEU D 132 8.71 16.44 21.60
CA LEU D 132 7.76 16.44 20.52
C LEU D 132 7.80 15.11 19.78
N ALA D 133 8.99 14.55 19.64
CA ALA D 133 9.14 13.29 18.92
C ALA D 133 8.54 12.10 19.64
N VAL D 134 8.50 12.14 20.96
CA VAL D 134 7.94 11.02 21.71
C VAL D 134 6.42 11.19 21.85
N VAL D 135 5.97 12.41 22.05
CA VAL D 135 4.54 12.64 22.20
C VAL D 135 3.74 12.53 20.91
N THR D 136 4.35 12.87 19.77
CA THR D 136 3.65 12.84 18.49
C THR D 136 4.04 11.64 17.67
N GLY D 137 5.10 10.99 18.10
CA GLY D 137 5.57 9.81 17.39
C GLY D 137 5.77 9.91 15.89
N GLN D 138 6.19 11.07 15.39
CA GLN D 138 6.38 11.23 13.95
C GLN D 138 7.84 11.12 13.57
N ARG D 139 8.09 10.81 12.29
CA ARG D 139 9.45 10.67 11.77
C ARG D 139 10.18 12.02 11.85
N VAL D 140 11.49 11.96 12.04
CA VAL D 140 12.26 13.19 12.18
C VAL D 140 12.07 14.10 10.98
N GLY D 141 12.12 13.55 9.77
CA GLY D 141 11.90 14.36 8.60
C GLY D 141 10.57 15.09 8.64
N ASP D 142 9.53 14.46 9.16
CA ASP D 142 8.24 15.12 9.22
C ASP D 142 8.17 16.17 10.36
N LEU D 143 8.90 15.95 11.45
CA LEU D 143 8.90 16.88 12.58
C LEU D 143 9.47 18.22 12.15
N CYS D 144 10.64 18.16 11.52
CA CYS D 144 11.34 19.33 11.05
C CYS D 144 10.58 20.22 10.11
N GLU D 145 9.49 19.74 9.55
CA GLU D 145 8.73 20.55 8.64
C GLU D 145 7.36 20.96 9.13
N MSE D 146 7.03 20.65 10.37
CA MSE D 146 5.75 21.06 10.92
C MSE D 146 5.75 22.57 11.11
O MSE D 146 6.66 23.13 11.72
CB MSE D 146 5.50 20.39 12.26
CG MSE D 146 5.39 18.91 12.19
SE MSE D 146 5.35 18.18 13.95
CE MSE D 146 4.44 16.56 13.53
N LYS D 147 4.73 23.23 10.58
CA LYS D 147 4.58 24.66 10.71
C LYS D 147 3.44 24.96 11.65
N TRP D 148 3.48 26.11 12.32
CA TRP D 148 2.44 26.48 13.23
C TRP D 148 1.09 26.54 12.55
N SER D 149 1.09 26.78 11.25
CA SER D 149 -0.17 26.85 10.53
C SER D 149 -0.81 25.48 10.29
N ASP D 150 -0.09 24.40 10.59
CA ASP D 150 -0.64 23.06 10.39
C ASP D 150 -1.54 22.69 11.58
N ILE D 151 -1.61 23.57 12.57
CA ILE D 151 -2.46 23.30 13.71
C ILE D 151 -3.77 24.08 13.59
N VAL D 152 -4.88 23.37 13.69
CA VAL D 152 -6.18 24.00 13.59
C VAL D 152 -7.15 23.37 14.58
N ASP D 153 -7.89 24.23 15.28
CA ASP D 153 -8.88 23.82 16.26
C ASP D 153 -8.47 22.58 17.04
N GLY D 154 -7.28 22.63 17.62
CA GLY D 154 -6.80 21.53 18.42
C GLY D 154 -6.19 20.34 17.70
N TYR D 155 -5.80 20.53 16.45
CA TYR D 155 -5.21 19.42 15.71
C TYR D 155 -3.98 19.79 14.90
N LEU D 156 -2.99 18.92 14.97
CA LEU D 156 -1.76 19.14 14.24
C LEU D 156 -1.86 18.27 13.00
N TYR D 157 -1.94 18.89 11.84
CA TYR D 157 -2.03 18.15 10.60
C TYR D 157 -0.66 17.78 10.06
N VAL D 158 -0.52 16.52 9.69
CA VAL D 158 0.75 16.03 9.19
C VAL D 158 0.55 15.15 7.98
N GLU D 159 1.29 15.44 6.92
CA GLU D 159 1.26 14.60 5.72
C GLU D 159 2.67 14.03 5.62
N GLN D 160 2.83 12.80 6.14
CA GLN D 160 4.13 12.14 6.17
C GLN D 160 4.84 12.04 4.84
N SER D 161 6.01 12.65 4.79
CA SER D 161 6.82 12.67 3.58
C SER D 161 7.20 11.34 3.00
N LYS D 162 7.44 10.35 3.86
CA LYS D 162 7.87 9.05 3.38
C LYS D 162 6.80 8.20 2.73
N THR D 163 5.58 8.27 3.25
CA THR D 163 4.51 7.42 2.74
C THR D 163 3.23 8.12 2.28
N GLY D 164 3.18 9.44 2.41
CA GLY D 164 1.99 10.16 2.00
C GLY D 164 0.82 10.07 2.98
N VAL D 165 1.01 9.31 4.05
CA VAL D 165 -0.04 9.18 5.03
C VAL D 165 -0.40 10.56 5.58
N LYS D 166 -1.70 10.84 5.67
CA LYS D 166 -2.19 12.12 6.17
C LYS D 166 -2.93 11.95 7.50
N ILE D 167 -2.45 12.60 8.55
CA ILE D 167 -3.08 12.46 9.84
C ILE D 167 -3.30 13.77 10.56
N ALA D 168 -4.24 13.75 11.49
CA ALA D 168 -4.59 14.91 12.32
C ALA D 168 -4.39 14.48 13.78
N ILE D 169 -3.31 14.94 14.37
CA ILE D 169 -3.01 14.59 15.76
C ILE D 169 -3.63 15.59 16.72
N PRO D 170 -4.39 15.09 17.71
CA PRO D 170 -5.03 15.95 18.71
C PRO D 170 -4.02 16.49 19.70
N THR D 171 -3.95 17.81 19.82
CA THR D 171 -3.00 18.45 20.69
C THR D 171 -3.34 18.30 22.16
N ALA D 172 -3.85 17.13 22.53
CA ALA D 172 -4.20 16.92 23.92
C ALA D 172 -3.52 15.67 24.44
N LEU D 173 -2.82 14.97 23.56
CA LEU D 173 -2.12 13.76 23.97
C LEU D 173 -1.21 14.03 25.15
N HIS D 174 -0.84 12.97 25.86
CA HIS D 174 0.06 13.09 27.00
C HIS D 174 0.70 11.75 27.34
N ILE D 175 2.04 11.74 27.36
CA ILE D 175 2.80 10.54 27.70
C ILE D 175 2.92 10.52 29.21
N ASP D 176 2.26 9.57 29.86
CA ASP D 176 2.30 9.48 31.31
C ASP D 176 3.68 9.14 31.88
N ALA D 177 4.24 8.02 31.44
CA ALA D 177 5.52 7.57 31.94
C ALA D 177 6.62 8.63 31.95
N LEU D 178 6.52 9.64 31.10
CA LEU D 178 7.55 10.66 31.03
C LEU D 178 7.08 12.07 31.31
N GLY D 179 5.80 12.20 31.66
CA GLY D 179 5.26 13.50 31.98
C GLY D 179 5.45 14.53 30.88
N ILE D 180 4.83 14.29 29.74
CA ILE D 180 4.93 15.20 28.61
C ILE D 180 3.55 15.58 28.11
N SER D 181 3.29 16.88 28.03
CA SER D 181 2.01 17.38 27.58
C SER D 181 2.19 18.03 26.23
N MSE D 182 1.61 17.43 25.19
CA MSE D 182 1.76 18.02 23.89
C MSE D 182 1.34 19.49 23.86
O MSE D 182 1.88 20.29 23.10
CB MSE D 182 0.99 17.26 22.83
CG MSE D 182 1.35 17.72 21.45
SE MSE D 182 0.43 16.78 20.06
CE MSE D 182 0.76 18.03 18.65
N LYS D 183 0.40 19.86 24.72
CA LYS D 183 -0.02 21.25 24.76
C LYS D 183 1.07 22.09 25.37
N GLU D 184 1.64 21.61 26.47
CA GLU D 184 2.69 22.37 27.12
C GLU D 184 3.97 22.41 26.29
N THR D 185 4.25 21.30 25.61
CA THR D 185 5.44 21.22 24.79
C THR D 185 5.32 22.16 23.61
N LEU D 186 4.15 22.21 22.98
CA LEU D 186 3.98 23.12 21.86
C LEU D 186 4.13 24.55 22.38
N ASP D 187 3.49 24.86 23.50
CA ASP D 187 3.57 26.20 24.07
C ASP D 187 5.01 26.64 24.28
N LYS D 188 5.82 25.79 24.90
CA LYS D 188 7.22 26.15 25.10
C LYS D 188 7.86 26.48 23.76
N CYS D 189 7.48 25.74 22.73
CA CYS D 189 8.02 25.95 21.38
C CYS D 189 7.76 27.33 20.82
N LYS D 190 6.52 27.79 20.93
CA LYS D 190 6.18 29.08 20.41
C LYS D 190 6.90 30.21 21.14
N GLU D 191 7.02 30.12 22.45
CA GLU D 191 7.68 31.19 23.20
C GLU D 191 9.19 31.19 23.11
N ILE D 192 9.81 30.01 23.16
CA ILE D 192 11.25 29.94 23.11
C ILE D 192 11.86 29.91 21.72
N LEU D 193 11.28 29.09 20.85
CA LEU D 193 11.83 28.91 19.52
C LEU D 193 11.59 29.99 18.46
N GLY D 194 10.41 30.60 18.43
CA GLY D 194 10.15 31.64 17.46
C GLY D 194 10.53 31.37 16.00
N GLY D 195 9.52 31.12 15.17
CA GLY D 195 9.73 30.85 13.75
C GLY D 195 8.45 30.28 13.17
N GLU D 196 8.38 30.09 11.86
CA GLU D 196 7.17 29.56 11.28
C GLU D 196 7.02 28.06 11.47
N THR D 197 8.12 27.37 11.73
CA THR D 197 8.05 25.94 11.98
C THR D 197 8.03 25.72 13.48
N ILE D 198 7.29 24.71 13.92
CA ILE D 198 7.20 24.40 15.34
C ILE D 198 8.58 24.21 15.95
N ILE D 199 9.44 23.43 15.28
CA ILE D 199 10.81 23.23 15.74
C ILE D 199 11.60 24.25 14.93
N ALA D 200 12.65 24.84 15.51
CA ALA D 200 13.43 25.82 14.78
C ALA D 200 14.82 26.10 15.33
N SER D 201 15.72 26.39 14.41
CA SER D 201 17.11 26.70 14.71
C SER D 201 17.21 27.98 15.52
N THR D 202 18.41 28.28 16.01
CA THR D 202 18.66 29.51 16.75
C THR D 202 18.40 30.67 15.80
N ARG D 203 18.78 30.49 14.54
CA ARG D 203 18.58 31.53 13.55
C ARG D 203 17.09 31.64 13.21
N ARG D 204 16.26 31.06 14.09
CA ARG D 204 14.80 31.09 13.94
C ARG D 204 14.29 30.50 12.62
N GLU D 205 15.08 29.61 12.01
CA GLU D 205 14.70 28.97 10.74
C GLU D 205 14.58 27.46 10.90
N PRO D 206 13.93 26.79 9.93
CA PRO D 206 13.75 25.34 9.96
C PRO D 206 15.09 24.60 10.04
N LEU D 207 15.11 23.52 10.82
CA LEU D 207 16.30 22.72 10.98
C LEU D 207 16.32 21.50 10.05
N SER D 208 17.51 21.04 9.69
CA SER D 208 17.62 19.86 8.85
C SER D 208 17.46 18.65 9.77
N SER D 209 16.82 17.59 9.26
CA SER D 209 16.58 16.40 10.07
C SER D 209 17.89 15.73 10.41
N GLY D 210 18.90 15.95 9.59
CA GLY D 210 20.19 15.35 9.85
C GLY D 210 20.82 15.92 11.10
N THR D 211 20.45 17.16 11.41
CA THR D 211 20.97 17.91 12.56
C THR D 211 20.31 17.48 13.87
N VAL D 212 18.99 17.49 13.88
CA VAL D 212 18.28 17.08 15.07
C VAL D 212 18.90 15.75 15.46
N SER D 213 18.95 14.83 14.51
CA SER D 213 19.50 13.51 14.76
C SER D 213 20.90 13.58 15.37
N ARG D 214 21.77 14.29 14.67
CA ARG D 214 23.16 14.43 15.07
C ARG D 214 23.34 15.00 16.48
N TYR D 215 22.49 15.94 16.89
CA TYR D 215 22.61 16.52 18.22
C TYR D 215 22.08 15.61 19.32
N PHE D 216 21.15 14.74 18.98
CA PHE D 216 20.60 13.79 19.93
C PHE D 216 21.71 12.81 20.21
N MSE D 217 22.40 12.41 19.14
CA MSE D 217 23.49 11.47 19.21
C MSE D 217 24.56 12.02 20.15
O MSE D 217 25.13 11.28 20.96
CB MSE D 217 24.04 11.25 17.80
CG MSE D 217 25.22 10.30 17.68
SE MSE D 217 26.87 11.26 17.77
CE MSE D 217 26.77 12.19 16.10
N ARG D 218 24.83 13.32 20.07
CA ARG D 218 25.80 13.95 20.95
C ARG D 218 25.38 13.72 22.40
N ALA D 219 24.14 14.10 22.70
CA ALA D 219 23.61 13.93 24.04
C ALA D 219 23.74 12.49 24.48
N ARG D 220 23.42 11.56 23.59
CA ARG D 220 23.50 10.14 23.93
C ARG D 220 24.88 9.81 24.42
N LYS D 221 25.90 10.23 23.69
CA LYS D 221 27.26 9.95 24.12
C LYS D 221 27.47 10.66 25.46
N ALA D 222 27.20 11.96 25.49
CA ALA D 222 27.33 12.77 26.69
C ALA D 222 26.68 12.18 27.94
N SER D 223 25.69 11.31 27.75
CA SER D 223 25.00 10.72 28.89
C SER D 223 25.78 9.54 29.46
N GLY D 224 26.73 9.04 28.68
CA GLY D 224 27.54 7.92 29.13
C GLY D 224 26.86 6.56 29.14
N LEU D 225 25.57 6.50 28.81
CA LEU D 225 24.86 5.22 28.79
C LEU D 225 25.57 4.20 27.91
N SER D 226 25.23 2.93 28.09
CA SER D 226 25.81 1.82 27.32
C SER D 226 24.67 0.93 26.84
N PHE D 227 24.81 0.35 25.66
CA PHE D 227 23.75 -0.51 25.14
C PHE D 227 24.35 -1.73 24.51
N GLU D 228 23.47 -2.66 24.15
CA GLU D 228 23.89 -3.88 23.47
C GLU D 228 23.60 -3.62 22.00
N GLY D 229 24.49 -4.07 21.14
CA GLY D 229 24.31 -3.82 19.72
C GLY D 229 24.54 -2.33 19.55
N ASP D 230 24.22 -1.80 18.38
CA ASP D 230 24.40 -0.38 18.13
C ASP D 230 23.52 0.44 19.08
N PRO D 231 23.94 1.68 19.33
CA PRO D 231 23.27 2.64 20.20
C PRO D 231 21.96 3.12 19.58
N PRO D 232 20.97 3.46 20.41
CA PRO D 232 19.66 3.93 19.93
C PRO D 232 19.87 5.28 19.23
N THR D 233 19.00 5.59 18.29
CA THR D 233 19.12 6.84 17.57
C THR D 233 17.86 7.65 17.73
N PHE D 234 17.87 8.87 17.19
CA PHE D 234 16.70 9.72 17.29
C PHE D 234 15.46 8.98 16.82
N HIS D 235 15.60 8.17 15.79
CA HIS D 235 14.47 7.43 15.25
C HIS D 235 13.88 6.47 16.26
N GLU D 236 14.64 6.16 17.31
CA GLU D 236 14.17 5.25 18.35
C GLU D 236 13.16 5.90 19.29
N LEU D 237 13.16 7.24 19.31
CA LEU D 237 12.21 7.96 20.13
C LEU D 237 10.80 7.69 19.60
N ARG D 238 10.72 7.25 18.35
CA ARG D 238 9.44 6.96 17.71
C ARG D 238 8.92 5.62 18.16
N SER D 239 9.85 4.70 18.47
CA SER D 239 9.48 3.37 18.94
C SER D 239 9.16 3.44 20.44
N LEU D 240 9.90 4.26 21.16
CA LEU D 240 9.63 4.43 22.57
C LEU D 240 8.20 4.94 22.63
N SER D 241 7.90 5.90 21.75
CA SER D 241 6.56 6.49 21.68
C SER D 241 5.50 5.45 21.38
N ALA D 242 5.75 4.63 20.37
CA ALA D 242 4.80 3.60 20.01
C ALA D 242 4.54 2.70 21.21
N ARG D 243 5.61 2.17 21.81
CA ARG D 243 5.51 1.27 22.96
C ARG D 243 4.79 1.89 24.16
N LEU D 244 5.11 3.14 24.46
CA LEU D 244 4.46 3.79 25.60
C LEU D 244 2.98 3.91 25.36
N TYR D 245 2.61 4.51 24.23
CA TYR D 245 1.20 4.68 23.92
C TYR D 245 0.52 3.33 23.85
N GLU D 246 1.26 2.32 23.42
CA GLU D 246 0.68 0.99 23.31
C GLU D 246 0.01 0.63 24.63
N LYS D 247 0.73 0.77 25.73
CA LYS D 247 0.18 0.45 27.03
C LYS D 247 -0.81 1.48 27.56
N GLN D 248 -0.37 2.73 27.64
CA GLN D 248 -1.23 3.80 28.14
C GLN D 248 -2.64 3.79 27.53
N ILE D 249 -2.72 3.97 26.22
CA ILE D 249 -4.00 3.98 25.53
C ILE D 249 -4.28 2.62 24.91
N SER D 250 -3.80 2.40 23.69
CA SER D 250 -4.02 1.10 23.08
C SER D 250 -3.09 0.82 21.92
N ASP D 251 -2.93 -0.46 21.60
CA ASP D 251 -2.06 -0.89 20.52
C ASP D 251 -2.61 -0.30 19.24
N LYS D 252 -3.93 -0.29 19.14
CA LYS D 252 -4.59 0.25 17.95
C LYS D 252 -4.17 1.70 17.78
N PHE D 253 -4.19 2.43 18.88
CA PHE D 253 -3.82 3.84 18.85
C PHE D 253 -2.37 4.04 18.43
N ALA D 254 -1.46 3.28 19.02
CA ALA D 254 -0.06 3.42 18.66
C ALA D 254 0.09 3.34 17.14
N GLN D 255 -0.66 2.44 16.51
CA GLN D 255 -0.60 2.25 15.07
C GLN D 255 -1.06 3.49 14.29
N HIS D 256 -2.24 4.00 14.60
CA HIS D 256 -2.75 5.17 13.90
C HIS D 256 -1.90 6.41 14.08
N LEU D 257 -1.34 6.60 15.26
CA LEU D 257 -0.50 7.76 15.49
C LEU D 257 0.76 7.68 14.65
N LEU D 258 1.44 6.53 14.62
CA LEU D 258 2.64 6.41 13.82
C LEU D 258 2.24 6.44 12.35
N GLY D 259 0.98 6.12 12.11
CA GLY D 259 0.47 6.13 10.76
C GLY D 259 0.86 4.99 9.85
N HIS D 260 0.79 3.76 10.35
CA HIS D 260 1.13 2.61 9.52
C HIS D 260 -0.12 2.09 8.83
N LYS D 261 -0.03 1.91 7.52
CA LYS D 261 -1.15 1.42 6.73
C LYS D 261 -1.41 -0.04 7.03
N SER D 262 -0.59 -0.61 7.89
CA SER D 262 -0.73 -2.02 8.24
C SER D 262 -0.77 -2.25 9.74
N ASP D 263 -0.52 -3.49 10.14
CA ASP D 263 -0.47 -3.90 11.53
C ASP D 263 0.77 -4.77 11.57
N THR D 264 1.52 -4.71 10.46
CA THR D 264 2.74 -5.48 10.26
C THR D 264 3.92 -5.00 11.11
N MSE D 265 3.99 -3.69 11.36
CA MSE D 265 5.10 -3.14 12.14
C MSE D 265 4.73 -2.59 13.50
O MSE D 265 5.60 -2.30 14.31
CB MSE D 265 5.80 -2.05 11.33
CG MSE D 265 6.16 -2.52 9.95
SE MSE D 265 7.52 -1.42 9.24
CE MSE D 265 9.00 -2.59 9.50
N GLU D 276 2.19 -11.93 22.37
CA GLU D 276 3.06 -12.35 23.45
C GLU D 276 2.38 -13.36 24.39
N TRP D 277 2.54 -13.16 25.70
CA TRP D 277 1.97 -14.07 26.69
C TRP D 277 0.51 -14.46 26.52
N ASP D 278 0.29 -15.74 26.25
CA ASP D 278 -1.06 -16.27 26.06
C ASP D 278 -1.58 -16.91 27.34
N LYS D 279 -2.49 -16.21 28.02
CA LYS D 279 -3.09 -16.73 29.26
C LYS D 279 -3.85 -17.99 28.90
N ILE D 280 -3.57 -19.08 29.60
CA ILE D 280 -4.29 -20.31 29.29
C ILE D 280 -5.46 -20.49 30.23
N GLU D 281 -6.65 -20.43 29.66
CA GLU D 281 -7.87 -20.58 30.42
C GLU D 281 -8.21 -22.05 30.43
N ILE D 282 -8.70 -22.52 31.57
CA ILE D 282 -9.06 -23.92 31.71
C ILE D 282 -10.41 -24.17 31.03
N LYS D 283 -10.59 -23.57 29.85
CA LYS D 283 -11.82 -23.69 29.07
C LYS D 283 -11.74 -24.91 28.13
N MSE E 1 6.69 -26.50 -30.15
CA MSE E 1 5.94 -26.34 -31.43
C MSE E 1 5.79 -24.87 -31.78
O MSE E 1 6.65 -24.07 -31.46
CB MSE E 1 4.55 -26.94 -31.29
CG MSE E 1 3.77 -26.36 -30.17
SE MSE E 1 1.97 -26.90 -30.33
CE MSE E 1 2.13 -28.69 -29.63
N THR E 2 4.69 -24.52 -32.43
CA THR E 2 4.47 -23.14 -32.82
C THR E 2 3.57 -22.38 -31.85
N LEU E 3 3.91 -21.12 -31.61
CA LEU E 3 3.14 -20.30 -30.66
C LEU E 3 1.62 -20.32 -30.79
N HIS E 4 1.09 -19.87 -31.94
CA HIS E 4 -0.35 -19.85 -32.15
C HIS E 4 -0.95 -21.24 -32.06
N SER E 5 -0.20 -22.24 -32.48
CA SER E 5 -0.73 -23.60 -32.37
C SER E 5 -0.79 -23.99 -30.90
N TRP E 6 0.22 -23.60 -30.13
CA TRP E 6 0.25 -23.91 -28.70
C TRP E 6 -0.84 -23.15 -27.97
N LEU E 7 -1.10 -21.92 -28.39
CA LEU E 7 -2.14 -21.13 -27.75
C LEU E 7 -3.50 -21.79 -28.00
N ASP E 8 -3.63 -22.49 -29.12
CA ASP E 8 -4.88 -23.20 -29.42
C ASP E 8 -5.01 -24.31 -28.39
N ARG E 9 -3.92 -25.03 -28.20
CA ARG E 9 -3.90 -26.13 -27.25
C ARG E 9 -4.12 -25.57 -25.85
N TYR E 10 -3.46 -24.46 -25.55
CA TYR E 10 -3.52 -23.81 -24.24
C TYR E 10 -4.93 -23.49 -23.79
N GLU E 11 -5.76 -23.04 -24.72
CA GLU E 11 -7.15 -22.72 -24.38
C GLU E 11 -7.84 -23.95 -23.83
N LYS E 12 -7.66 -25.08 -24.51
CA LYS E 12 -8.29 -26.32 -24.08
C LYS E 12 -7.90 -26.63 -22.65
N ILE E 13 -6.61 -26.46 -22.33
CA ILE E 13 -6.15 -26.73 -20.98
C ILE E 13 -6.99 -25.91 -20.01
N LEU E 14 -7.12 -24.61 -20.28
CA LEU E 14 -7.89 -23.74 -19.40
C LEU E 14 -9.33 -24.25 -19.28
N ALA E 15 -9.89 -24.69 -20.41
CA ALA E 15 -11.24 -25.22 -20.41
C ALA E 15 -11.34 -26.40 -19.45
N SER E 16 -10.21 -26.85 -18.94
CA SER E 16 -10.22 -27.99 -18.04
C SER E 16 -9.77 -27.65 -16.63
N ARG E 17 -9.45 -26.39 -16.38
CA ARG E 17 -8.99 -26.01 -15.05
C ARG E 17 -10.13 -25.89 -14.06
N GLY E 18 -11.35 -25.86 -14.58
CA GLY E 18 -12.47 -25.74 -13.68
C GLY E 18 -12.61 -24.32 -13.17
N ILE E 19 -12.10 -23.37 -13.93
CA ILE E 19 -12.22 -21.97 -13.54
C ILE E 19 -13.62 -21.51 -13.92
N LYS E 20 -14.05 -20.39 -13.36
CA LYS E 20 -15.37 -19.88 -13.64
C LYS E 20 -15.42 -19.17 -14.99
N GLN E 21 -16.62 -19.04 -15.54
CA GLN E 21 -16.81 -18.42 -16.84
C GLN E 21 -16.11 -17.07 -16.99
N LYS E 22 -16.30 -16.18 -16.05
CA LYS E 22 -15.67 -14.88 -16.16
C LYS E 22 -14.15 -15.02 -16.28
N THR E 23 -13.57 -15.91 -15.48
CA THR E 23 -12.13 -16.14 -15.48
C THR E 23 -11.68 -16.60 -16.85
N LEU E 24 -12.43 -17.50 -17.46
CA LEU E 24 -12.05 -17.98 -18.79
C LEU E 24 -12.13 -16.84 -19.78
N ILE E 25 -13.20 -16.05 -19.71
CA ILE E 25 -13.36 -14.91 -20.63
C ILE E 25 -12.13 -14.00 -20.51
N ASN E 26 -11.70 -13.71 -19.28
CA ASN E 26 -10.54 -12.85 -19.07
C ASN E 26 -9.31 -13.44 -19.74
N TYR E 27 -9.09 -14.73 -19.55
CA TYR E 27 -7.93 -15.40 -20.13
C TYR E 27 -7.98 -15.36 -21.64
N MSE E 28 -9.13 -15.68 -22.21
CA MSE E 28 -9.27 -15.67 -23.65
C MSE E 28 -8.82 -14.33 -24.20
O MSE E 28 -8.09 -14.26 -25.19
CB MSE E 28 -10.72 -15.93 -24.04
CG MSE E 28 -11.22 -17.33 -23.69
SE MSE E 28 -10.40 -18.76 -24.72
CE MSE E 28 -9.64 -19.70 -23.24
N SER E 29 -9.27 -13.24 -23.56
CA SER E 29 -8.91 -11.91 -24.01
C SER E 29 -7.41 -11.66 -23.98
N LYS E 30 -6.70 -12.27 -23.04
CA LYS E 30 -5.26 -12.08 -22.95
C LYS E 30 -4.55 -12.82 -24.08
N ILE E 31 -5.08 -13.99 -24.44
CA ILE E 31 -4.50 -14.78 -25.50
C ILE E 31 -4.72 -14.05 -26.82
N LYS E 32 -5.93 -13.56 -27.03
CA LYS E 32 -6.22 -12.83 -28.26
C LYS E 32 -5.17 -11.75 -28.40
N ALA E 33 -4.83 -11.09 -27.31
CA ALA E 33 -3.83 -10.04 -27.37
C ALA E 33 -2.48 -10.66 -27.71
N ILE E 34 -2.17 -11.79 -27.09
CA ILE E 34 -0.90 -12.44 -27.35
C ILE E 34 -0.82 -12.85 -28.82
N ARG E 35 -1.95 -13.19 -29.43
CA ARG E 35 -1.93 -13.56 -30.84
C ARG E 35 -1.57 -12.37 -31.73
N ARG E 36 -2.18 -11.21 -31.49
CA ARG E 36 -1.85 -10.05 -32.29
C ARG E 36 -0.41 -9.61 -32.05
N GLY E 37 0.01 -9.65 -30.79
CA GLY E 37 1.35 -9.22 -30.43
C GLY E 37 2.53 -10.05 -30.89
N LEU E 38 2.43 -11.36 -30.79
CA LEU E 38 3.54 -12.20 -31.17
C LEU E 38 3.29 -13.09 -32.40
N PRO E 39 4.35 -13.35 -33.18
CA PRO E 39 4.39 -14.16 -34.40
C PRO E 39 4.03 -15.60 -34.15
N ASP E 40 3.78 -16.33 -35.22
CA ASP E 40 3.44 -17.73 -35.08
C ASP E 40 4.66 -18.59 -35.35
N ALA E 41 5.71 -18.38 -34.53
CA ALA E 41 6.98 -19.09 -34.66
C ALA E 41 7.22 -20.10 -33.55
N PRO E 42 8.20 -20.99 -33.74
CA PRO E 42 8.53 -22.00 -32.74
C PRO E 42 8.72 -21.39 -31.36
N LEU E 43 7.99 -21.93 -30.38
CA LEU E 43 8.06 -21.45 -29.02
C LEU E 43 9.49 -21.24 -28.55
N GLU E 44 10.33 -22.24 -28.80
CA GLU E 44 11.71 -22.19 -28.38
C GLU E 44 12.41 -20.92 -28.86
N ASP E 45 11.98 -20.42 -30.01
CA ASP E 45 12.59 -19.23 -30.59
C ASP E 45 11.98 -17.86 -30.27
N ILE E 46 10.95 -17.83 -29.44
CA ILE E 46 10.35 -16.54 -29.08
C ILE E 46 11.24 -15.91 -27.99
N THR E 47 11.85 -14.79 -28.32
CA THR E 47 12.77 -14.12 -27.43
C THR E 47 12.20 -13.17 -26.37
N THR E 48 12.87 -13.16 -25.22
CA THR E 48 12.49 -12.30 -24.12
C THR E 48 12.36 -10.88 -24.65
N LYS E 49 13.25 -10.55 -25.57
CA LYS E 49 13.25 -9.22 -26.17
C LYS E 49 11.92 -8.93 -26.87
N GLU E 50 11.44 -9.87 -27.69
CA GLU E 50 10.18 -9.70 -28.40
C GLU E 50 9.03 -9.58 -27.42
N ILE E 51 9.01 -10.48 -26.44
CA ILE E 51 7.98 -10.43 -25.43
C ILE E 51 8.07 -9.06 -24.79
N ALA E 52 9.27 -8.66 -24.39
CA ALA E 52 9.48 -7.34 -23.77
C ALA E 52 8.95 -6.19 -24.60
N ALA E 53 9.21 -6.23 -25.91
CA ALA E 53 8.76 -5.20 -26.84
C ALA E 53 7.26 -4.97 -26.80
N MSE E 54 6.50 -6.06 -26.83
CA MSE E 54 5.04 -5.97 -26.79
C MSE E 54 4.54 -5.33 -25.52
O MSE E 54 3.83 -4.32 -25.54
CB MSE E 54 4.42 -7.34 -26.90
CG MSE E 54 2.95 -7.31 -26.52
SE MSE E 54 2.32 -9.06 -26.33
CE MSE E 54 3.25 -9.48 -24.71
N LEU E 55 4.91 -5.94 -24.39
CA LEU E 55 4.51 -5.43 -23.10
C LEU E 55 4.81 -3.94 -22.99
N ASN E 56 5.98 -3.51 -23.46
CA ASN E 56 6.33 -2.10 -23.42
C ASN E 56 5.35 -1.36 -24.33
N GLY E 57 4.89 -2.04 -25.36
CA GLY E 57 3.93 -1.42 -26.24
C GLY E 57 2.70 -1.05 -25.44
N TYR E 58 2.21 -1.99 -24.64
CA TYR E 58 1.03 -1.69 -23.85
C TYR E 58 1.37 -0.66 -22.80
N ILE E 59 2.52 -0.80 -22.16
CA ILE E 59 2.90 0.15 -21.12
C ILE E 59 2.95 1.59 -21.65
N ASP E 60 3.42 1.75 -22.88
CA ASP E 60 3.53 3.07 -23.47
C ASP E 60 2.18 3.70 -23.82
N GLU E 61 1.14 2.89 -23.94
CA GLU E 61 -0.18 3.43 -24.24
C GLU E 61 -0.88 3.66 -22.89
N GLY E 62 -0.14 3.40 -21.81
CA GLY E 62 -0.70 3.57 -20.48
C GLY E 62 -1.58 2.42 -20.04
N LYS E 63 -1.39 1.24 -20.63
CA LYS E 63 -2.16 0.08 -20.26
C LYS E 63 -1.30 -0.89 -19.45
N ALA E 64 -0.71 -0.36 -18.38
CA ALA E 64 0.15 -1.15 -17.49
C ALA E 64 -0.60 -2.35 -16.92
N ALA E 65 -1.86 -2.14 -16.56
CA ALA E 65 -2.65 -3.23 -16.03
C ALA E 65 -2.69 -4.35 -17.08
N SER E 66 -3.09 -4.00 -18.30
CA SER E 66 -3.14 -4.97 -19.37
C SER E 66 -1.79 -5.65 -19.55
N ALA E 67 -0.72 -4.88 -19.49
CA ALA E 67 0.61 -5.46 -19.66
C ALA E 67 0.84 -6.56 -18.64
N LYS E 68 0.63 -6.23 -17.37
CA LYS E 68 0.86 -7.16 -16.27
C LYS E 68 0.06 -8.46 -16.37
N LEU E 69 -1.18 -8.37 -16.83
CA LEU E 69 -1.99 -9.57 -16.95
C LEU E 69 -1.52 -10.36 -18.16
N ILE E 70 -1.36 -9.68 -19.29
CA ILE E 70 -0.89 -10.34 -20.49
C ILE E 70 0.40 -11.08 -20.18
N ARG E 71 1.35 -10.40 -19.54
CA ARG E 71 2.60 -11.05 -19.17
C ARG E 71 2.32 -12.31 -18.36
N SER E 72 1.41 -12.22 -17.40
CA SER E 72 1.07 -13.39 -16.58
C SER E 72 0.57 -14.55 -17.41
N THR E 73 -0.45 -14.29 -18.22
CA THR E 73 -1.03 -15.32 -19.06
C THR E 73 0.00 -16.00 -19.97
N LEU E 74 0.83 -15.20 -20.62
CA LEU E 74 1.83 -15.75 -21.50
C LEU E 74 2.70 -16.66 -20.67
N SER E 75 3.17 -16.14 -19.55
CA SER E 75 4.05 -16.88 -18.67
C SER E 75 3.48 -18.24 -18.35
N ASP E 76 2.25 -18.25 -17.87
CA ASP E 76 1.59 -19.49 -17.52
C ASP E 76 1.50 -20.39 -18.74
N ALA E 77 1.23 -19.82 -19.90
CA ALA E 77 1.14 -20.60 -21.12
C ALA E 77 2.48 -21.29 -21.42
N PHE E 78 3.58 -20.62 -21.11
CA PHE E 78 4.90 -21.18 -21.32
C PHE E 78 5.13 -22.29 -20.31
N ARG E 79 4.65 -22.09 -19.09
CA ARG E 79 4.81 -23.09 -18.07
C ARG E 79 4.09 -24.37 -18.49
N GLU E 80 2.99 -24.23 -19.21
CA GLU E 80 2.25 -25.40 -19.68
C GLU E 80 2.94 -26.02 -20.89
N ALA E 81 3.47 -25.19 -21.78
CA ALA E 81 4.18 -25.73 -22.91
C ALA E 81 5.36 -26.51 -22.31
N ILE E 82 5.99 -25.96 -21.28
CA ILE E 82 7.11 -26.65 -20.65
C ILE E 82 6.64 -27.94 -20.02
N ALA E 83 5.43 -27.93 -19.48
CA ALA E 83 4.90 -29.11 -18.81
C ALA E 83 4.47 -30.18 -19.78
N GLU E 84 4.39 -29.86 -21.07
CA GLU E 84 4.00 -30.85 -22.07
C GLU E 84 5.20 -31.22 -22.98
N GLY E 85 6.38 -30.76 -22.57
CA GLY E 85 7.60 -31.08 -23.31
C GLY E 85 7.89 -30.41 -24.64
N HIS E 86 7.36 -29.22 -24.85
CA HIS E 86 7.64 -28.53 -26.10
C HIS E 86 8.81 -27.58 -25.90
N ILE E 87 8.70 -26.72 -24.89
CA ILE E 87 9.77 -25.80 -24.59
C ILE E 87 10.52 -26.48 -23.47
N THR E 88 11.32 -25.72 -22.74
CA THR E 88 12.07 -26.30 -21.67
C THR E 88 12.44 -25.22 -20.67
N THR E 89 12.33 -23.97 -21.10
CA THR E 89 12.63 -22.82 -20.25
C THR E 89 11.63 -21.71 -20.51
N ASN E 90 11.28 -20.98 -19.45
CA ASN E 90 10.31 -19.90 -19.55
C ASN E 90 10.96 -18.58 -19.91
N HIS E 91 10.91 -18.24 -21.19
CA HIS E 91 11.51 -16.99 -21.64
C HIS E 91 10.83 -15.73 -21.10
N VAL E 92 9.73 -15.90 -20.36
CA VAL E 92 9.01 -14.75 -19.80
C VAL E 92 9.47 -14.42 -18.40
N ALA E 93 9.70 -15.46 -17.62
CA ALA E 93 10.14 -15.31 -16.23
C ALA E 93 11.24 -14.26 -16.04
N ALA E 94 12.12 -14.11 -17.03
CA ALA E 94 13.23 -13.16 -16.98
C ALA E 94 12.74 -11.71 -17.07
N THR E 95 11.51 -11.56 -17.57
CA THR E 95 10.91 -10.25 -17.70
C THR E 95 10.52 -9.73 -16.33
N ARG E 96 10.19 -8.44 -16.27
CA ARG E 96 9.78 -7.80 -15.03
C ARG E 96 8.33 -7.33 -15.23
N ALA E 97 7.46 -7.70 -14.31
CA ALA E 97 6.05 -7.31 -14.41
C ALA E 97 5.95 -5.79 -14.28
N ALA E 98 5.30 -5.15 -15.26
CA ALA E 98 5.13 -3.71 -15.27
C ALA E 98 4.54 -3.24 -13.94
N LYS E 99 5.13 -2.20 -13.35
CA LYS E 99 4.66 -1.67 -12.08
C LYS E 99 3.66 -0.54 -12.31
N SER E 100 2.49 -0.65 -11.69
CA SER E 100 1.43 0.35 -11.85
C SER E 100 0.61 0.56 -10.57
N LYS E 101 0.35 1.82 -10.24
CA LYS E 101 -0.43 2.16 -9.06
C LYS E 101 -1.91 2.35 -9.44
N VAL E 102 -2.81 2.04 -8.51
CA VAL E 102 -4.25 2.17 -8.76
C VAL E 102 -4.64 3.61 -9.07
N ARG E 103 -5.27 3.82 -10.22
CA ARG E 103 -5.68 5.15 -10.63
C ARG E 103 -7.03 5.59 -10.05
N ARG E 104 -7.90 4.64 -9.77
CA ARG E 104 -9.23 4.93 -9.24
C ARG E 104 -9.17 5.66 -7.91
N SER E 105 -9.88 6.77 -7.83
CA SER E 105 -9.93 7.58 -6.61
C SER E 105 -10.93 7.00 -5.60
N ARG E 106 -10.60 7.12 -4.32
CA ARG E 106 -11.49 6.64 -3.26
C ARG E 106 -12.68 7.61 -3.16
N LEU E 107 -13.68 7.26 -2.36
CA LEU E 107 -14.84 8.10 -2.22
C LEU E 107 -15.06 8.54 -0.79
N THR E 108 -15.18 9.85 -0.55
CA THR E 108 -15.40 10.35 0.80
C THR E 108 -16.89 10.39 1.11
N ALA E 109 -17.25 10.37 2.39
CA ALA E 109 -18.65 10.41 2.79
C ALA E 109 -19.42 11.58 2.16
N ASP E 110 -18.80 12.75 2.12
CA ASP E 110 -19.46 13.91 1.56
C ASP E 110 -19.78 13.68 0.10
N GLU E 111 -18.78 13.21 -0.64
CA GLU E 111 -18.98 12.94 -2.05
C GLU E 111 -20.15 11.98 -2.19
N TYR E 112 -20.20 10.99 -1.32
CA TYR E 112 -21.29 10.05 -1.39
C TYR E 112 -22.62 10.80 -1.25
N LEU E 113 -22.68 11.77 -0.35
CA LEU E 113 -23.93 12.49 -0.15
C LEU E 113 -24.32 13.34 -1.35
N LYS E 114 -23.34 13.94 -2.01
CA LYS E 114 -23.66 14.74 -3.17
C LYS E 114 -24.19 13.85 -4.29
N ILE E 115 -23.53 12.72 -4.49
CA ILE E 115 -23.97 11.80 -5.52
C ILE E 115 -25.34 11.27 -5.18
N TYR E 116 -25.48 10.78 -3.96
CA TYR E 116 -26.74 10.23 -3.52
C TYR E 116 -27.84 11.21 -3.84
N GLN E 117 -27.52 12.48 -3.69
CA GLN E 117 -28.52 13.49 -3.95
C GLN E 117 -28.71 13.68 -5.43
N ALA E 118 -27.60 13.62 -6.17
CA ALA E 118 -27.62 13.79 -7.61
C ALA E 118 -28.38 12.67 -8.25
N ALA E 119 -28.46 11.54 -7.56
CA ALA E 119 -29.16 10.38 -8.08
C ALA E 119 -30.65 10.54 -7.88
N GLU E 120 -31.10 11.79 -7.83
CA GLU E 120 -32.51 12.07 -7.62
C GLU E 120 -33.32 11.64 -8.84
N SER E 121 -32.89 12.11 -10.01
CA SER E 121 -33.57 11.79 -11.24
C SER E 121 -33.18 10.41 -11.79
N SER E 122 -32.63 9.57 -10.92
CA SER E 122 -32.23 8.23 -11.32
C SER E 122 -33.32 7.24 -10.90
N PRO E 123 -33.34 6.05 -11.51
CA PRO E 123 -34.35 5.06 -11.15
C PRO E 123 -34.31 4.83 -9.64
N CYS E 124 -35.48 4.76 -9.05
CA CYS E 124 -35.59 4.59 -7.62
C CYS E 124 -34.65 3.59 -6.98
N TRP E 125 -34.30 2.52 -7.67
CA TRP E 125 -33.43 1.52 -7.08
C TRP E 125 -31.98 1.97 -6.82
N LEU E 126 -31.48 2.92 -7.60
CA LEU E 126 -30.11 3.37 -7.40
C LEU E 126 -29.82 3.76 -5.96
N ARG E 127 -30.51 4.77 -5.47
CA ARG E 127 -30.30 5.20 -4.11
C ARG E 127 -30.32 4.01 -3.17
N LEU E 128 -31.31 3.15 -3.35
CA LEU E 128 -31.39 1.98 -2.51
C LEU E 128 -30.15 1.12 -2.68
N ALA E 129 -29.80 0.80 -3.91
CA ALA E 129 -28.63 -0.02 -4.15
C ALA E 129 -27.46 0.60 -3.39
N MSE E 130 -27.33 1.91 -3.51
CA MSE E 130 -26.25 2.63 -2.85
C MSE E 130 -26.23 2.46 -1.34
O MSE E 130 -25.19 2.15 -0.75
CB MSE E 130 -26.34 4.11 -3.21
CG MSE E 130 -25.92 4.40 -4.64
SE MSE E 130 -26.14 6.24 -5.07
CE MSE E 130 -24.79 6.96 -3.91
N GLU E 131 -27.37 2.66 -0.70
CA GLU E 131 -27.44 2.53 0.75
C GLU E 131 -27.13 1.11 1.21
N LEU E 132 -27.79 0.14 0.58
CA LEU E 132 -27.60 -1.26 0.93
C LEU E 132 -26.12 -1.64 0.82
N ALA E 133 -25.44 -1.11 -0.18
CA ALA E 133 -24.02 -1.41 -0.40
C ALA E 133 -23.12 -0.91 0.72
N VAL E 134 -23.22 0.37 1.05
CA VAL E 134 -22.39 0.94 2.10
C VAL E 134 -22.72 0.34 3.47
N VAL E 135 -23.99 0.09 3.73
CA VAL E 135 -24.36 -0.46 5.02
C VAL E 135 -24.01 -1.93 5.15
N THR E 136 -23.75 -2.61 4.02
CA THR E 136 -23.42 -4.04 4.10
C THR E 136 -22.00 -4.36 3.68
N GLY E 137 -21.39 -3.50 2.88
CA GLY E 137 -20.04 -3.73 2.43
C GLY E 137 -19.89 -4.86 1.41
N GLN E 138 -21.00 -5.33 0.86
CA GLN E 138 -20.93 -6.42 -0.09
C GLN E 138 -20.66 -5.90 -1.49
N ARG E 139 -20.03 -6.71 -2.33
CA ARG E 139 -19.73 -6.34 -3.72
C ARG E 139 -21.03 -6.22 -4.50
N VAL E 140 -21.03 -5.42 -5.56
CA VAL E 140 -22.24 -5.23 -6.36
C VAL E 140 -22.76 -6.53 -6.97
N GLY E 141 -21.86 -7.41 -7.37
CA GLY E 141 -22.30 -8.67 -7.94
C GLY E 141 -23.16 -9.44 -6.95
N ASP E 142 -22.74 -9.49 -5.69
CA ASP E 142 -23.48 -10.19 -4.66
C ASP E 142 -24.73 -9.42 -4.28
N LEU E 143 -24.60 -8.10 -4.29
CA LEU E 143 -25.68 -7.21 -3.95
C LEU E 143 -26.92 -7.48 -4.79
N CYS E 144 -26.74 -7.49 -6.10
CA CYS E 144 -27.84 -7.71 -7.03
C CYS E 144 -28.41 -9.11 -7.11
N GLU E 145 -27.86 -10.03 -6.31
CA GLU E 145 -28.37 -11.41 -6.29
C GLU E 145 -29.01 -11.81 -4.97
N MSE E 146 -29.00 -10.90 -4.00
CA MSE E 146 -29.62 -11.16 -2.71
C MSE E 146 -31.15 -11.31 -2.89
O MSE E 146 -31.79 -10.47 -3.51
CB MSE E 146 -29.35 -10.00 -1.76
CG MSE E 146 -27.89 -9.76 -1.52
SE MSE E 146 -27.62 -8.24 -0.39
CE MSE E 146 -25.84 -8.64 0.19
N LYS E 147 -31.69 -12.39 -2.36
CA LYS E 147 -33.13 -12.67 -2.45
C LYS E 147 -33.75 -12.50 -1.07
N TRP E 148 -35.01 -12.07 -1.01
CA TRP E 148 -35.64 -11.88 0.29
C TRP E 148 -35.60 -13.18 1.07
N SER E 149 -35.42 -14.28 0.37
CA SER E 149 -35.39 -15.56 1.04
C SER E 149 -34.08 -15.80 1.77
N ASP E 150 -33.11 -14.89 1.63
CA ASP E 150 -31.85 -15.10 2.33
C ASP E 150 -31.86 -14.46 3.70
N ILE E 151 -32.97 -13.83 4.06
CA ILE E 151 -33.08 -13.19 5.36
C ILE E 151 -33.90 -14.08 6.28
N VAL E 152 -33.26 -14.52 7.36
CA VAL E 152 -33.89 -15.40 8.33
C VAL E 152 -33.60 -14.94 9.74
N ASP E 153 -34.64 -14.55 10.47
CA ASP E 153 -34.52 -14.10 11.85
C ASP E 153 -33.63 -12.88 12.06
N GLY E 154 -33.82 -11.85 11.25
CA GLY E 154 -33.04 -10.64 11.42
C GLY E 154 -31.64 -10.65 10.87
N TYR E 155 -31.23 -11.77 10.27
CA TYR E 155 -29.89 -11.85 9.69
C TYR E 155 -29.94 -12.10 8.18
N LEU E 156 -29.20 -11.28 7.43
CA LEU E 156 -29.13 -11.41 5.98
C LEU E 156 -27.97 -12.34 5.67
N TYR E 157 -28.26 -13.44 4.98
CA TYR E 157 -27.25 -14.42 4.64
C TYR E 157 -26.61 -14.20 3.28
N VAL E 158 -25.30 -14.03 3.28
CA VAL E 158 -24.55 -13.77 2.07
C VAL E 158 -23.43 -14.77 1.77
N GLU E 159 -23.40 -15.30 0.56
CA GLU E 159 -22.34 -16.20 0.14
C GLU E 159 -21.71 -15.49 -1.06
N GLN E 160 -20.57 -14.86 -0.82
CA GLN E 160 -19.87 -14.09 -1.84
C GLN E 160 -19.45 -14.95 -3.03
N SER E 161 -19.94 -14.54 -4.19
CA SER E 161 -19.67 -15.21 -5.44
C SER E 161 -18.18 -15.28 -5.75
N LYS E 162 -17.51 -14.15 -5.58
CA LYS E 162 -16.09 -14.07 -5.86
C LYS E 162 -15.18 -14.88 -4.96
N THR E 163 -15.52 -14.97 -3.67
CA THR E 163 -14.67 -15.66 -2.71
C THR E 163 -15.22 -16.92 -2.04
N GLY E 164 -16.53 -17.07 -2.00
CA GLY E 164 -17.10 -18.24 -1.35
C GLY E 164 -17.34 -17.97 0.13
N VAL E 165 -16.84 -16.85 0.62
CA VAL E 165 -17.01 -16.46 2.01
C VAL E 165 -18.50 -16.45 2.38
N LYS E 166 -18.83 -16.93 3.57
CA LYS E 166 -20.22 -16.97 4.04
C LYS E 166 -20.40 -16.15 5.31
N ILE E 167 -21.36 -15.22 5.29
CA ILE E 167 -21.60 -14.39 6.46
C ILE E 167 -23.07 -14.09 6.69
N ALA E 168 -23.45 -13.92 7.95
CA ALA E 168 -24.82 -13.59 8.29
C ALA E 168 -24.77 -12.18 8.85
N ILE E 169 -25.37 -11.23 8.12
CA ILE E 169 -25.37 -9.85 8.53
C ILE E 169 -26.61 -9.49 9.33
N PRO E 170 -26.44 -8.91 10.53
CA PRO E 170 -27.60 -8.54 11.33
C PRO E 170 -28.29 -7.34 10.69
N THR E 171 -29.59 -7.45 10.48
CA THR E 171 -30.34 -6.35 9.87
C THR E 171 -30.36 -5.09 10.75
N ALA E 172 -29.65 -5.15 11.88
CA ALA E 172 -29.62 -4.04 12.81
C ALA E 172 -28.48 -3.05 12.61
N LEU E 173 -27.82 -3.10 11.46
CA LEU E 173 -26.71 -2.19 11.23
C LEU E 173 -27.13 -0.75 10.96
N HIS E 174 -26.20 0.17 11.18
CA HIS E 174 -26.47 1.58 10.98
C HIS E 174 -25.20 2.33 10.65
N ILE E 175 -25.27 3.26 9.72
CA ILE E 175 -24.11 4.07 9.37
C ILE E 175 -24.45 5.46 9.87
N ASP E 176 -24.08 5.71 11.11
CA ASP E 176 -24.37 6.99 11.73
C ASP E 176 -23.88 8.15 10.90
N ALA E 177 -22.72 8.00 10.28
CA ALA E 177 -22.16 9.09 9.49
C ALA E 177 -22.98 9.53 8.29
N LEU E 178 -23.79 8.64 7.76
CA LEU E 178 -24.56 8.97 6.58
C LEU E 178 -26.02 8.93 6.87
N GLY E 179 -26.34 8.60 8.12
CA GLY E 179 -27.74 8.52 8.51
C GLY E 179 -28.44 7.41 7.78
N ILE E 180 -27.76 6.28 7.64
CA ILE E 180 -28.32 5.14 6.94
C ILE E 180 -28.62 3.98 7.88
N SER E 181 -29.86 3.52 7.85
CA SER E 181 -30.27 2.38 8.67
C SER E 181 -30.54 1.19 7.75
N MSE E 182 -29.81 0.10 7.96
CA MSE E 182 -30.01 -1.07 7.12
C MSE E 182 -31.48 -1.48 7.10
O MSE E 182 -32.09 -1.58 6.04
CB MSE E 182 -29.16 -2.25 7.60
CG MSE E 182 -29.09 -3.37 6.60
SE MSE E 182 -27.80 -4.72 7.05
CE MSE E 182 -29.00 -6.21 6.93
N LYS E 183 -32.03 -1.66 8.29
CA LYS E 183 -33.43 -2.05 8.43
C LYS E 183 -34.39 -1.09 7.72
N GLU E 184 -34.23 0.20 7.92
CA GLU E 184 -35.09 1.17 7.27
C GLU E 184 -34.94 0.97 5.77
N THR E 185 -33.69 0.79 5.34
CA THR E 185 -33.38 0.62 3.94
C THR E 185 -33.99 -0.62 3.33
N LEU E 186 -33.90 -1.74 4.05
CA LEU E 186 -34.48 -2.95 3.52
C LEU E 186 -35.98 -2.75 3.40
N ASP E 187 -36.57 -1.97 4.31
CA ASP E 187 -38.01 -1.75 4.26
C ASP E 187 -38.42 -0.92 3.05
N LYS E 188 -37.60 0.04 2.65
CA LYS E 188 -37.93 0.83 1.48
C LYS E 188 -37.80 -0.05 0.21
N CYS E 189 -36.88 -1.01 0.25
CA CYS E 189 -36.66 -1.93 -0.85
C CYS E 189 -37.82 -2.90 -1.00
N LYS E 190 -38.45 -3.26 0.11
CA LYS E 190 -39.58 -4.18 0.13
C LYS E 190 -40.83 -3.59 -0.50
N GLU E 191 -41.13 -2.34 -0.16
CA GLU E 191 -42.32 -1.68 -0.69
C GLU E 191 -42.07 -1.09 -2.07
N ILE E 192 -41.19 -0.10 -2.11
CA ILE E 192 -40.83 0.59 -3.34
C ILE E 192 -40.33 -0.28 -4.49
N LEU E 193 -39.68 -1.40 -4.17
CA LEU E 193 -39.14 -2.26 -5.21
C LEU E 193 -39.84 -3.62 -5.39
N GLY E 194 -40.22 -4.24 -4.28
CA GLY E 194 -40.89 -5.53 -4.33
C GLY E 194 -40.47 -6.47 -5.44
N GLY E 195 -39.58 -7.40 -5.13
CA GLY E 195 -39.11 -8.37 -6.11
C GLY E 195 -38.55 -9.53 -5.33
N GLU E 196 -38.18 -10.61 -5.99
CA GLU E 196 -37.62 -11.74 -5.25
C GLU E 196 -36.21 -11.34 -4.81
N THR E 197 -35.56 -10.52 -5.63
CA THR E 197 -34.24 -10.03 -5.27
C THR E 197 -34.51 -8.79 -4.45
N ILE E 198 -33.71 -8.56 -3.42
CA ILE E 198 -33.90 -7.39 -2.56
C ILE E 198 -33.77 -6.12 -3.40
N ILE E 199 -32.87 -6.13 -4.37
CA ILE E 199 -32.70 -5.00 -5.27
C ILE E 199 -33.45 -5.45 -6.51
N ALA E 200 -34.31 -4.60 -7.05
CA ALA E 200 -35.05 -5.01 -8.23
C ALA E 200 -35.33 -3.85 -9.17
N SER E 201 -35.68 -4.19 -10.41
CA SER E 201 -35.98 -3.19 -11.42
C SER E 201 -37.38 -2.64 -11.22
N THR E 202 -37.71 -1.61 -11.97
CA THR E 202 -39.01 -0.99 -11.91
C THR E 202 -40.08 -1.98 -12.34
N ARG E 203 -39.67 -3.08 -12.95
CA ARG E 203 -40.62 -4.09 -13.38
C ARG E 203 -40.56 -5.25 -12.40
N ARG E 204 -39.97 -4.97 -11.24
CA ARG E 204 -39.79 -5.96 -10.17
C ARG E 204 -38.88 -7.14 -10.52
N GLU E 205 -37.96 -6.91 -11.46
CA GLU E 205 -37.04 -7.95 -11.87
C GLU E 205 -35.62 -7.65 -11.41
N PRO E 206 -34.80 -8.69 -11.24
CA PRO E 206 -33.42 -8.52 -10.80
C PRO E 206 -32.67 -7.71 -11.85
N LEU E 207 -31.64 -6.98 -11.43
CA LEU E 207 -30.84 -6.17 -12.35
C LEU E 207 -29.47 -6.79 -12.57
N SER E 208 -28.79 -6.34 -13.61
CA SER E 208 -27.45 -6.84 -13.83
C SER E 208 -26.57 -5.87 -13.02
N SER E 209 -25.54 -6.40 -12.36
CA SER E 209 -24.67 -5.56 -11.54
C SER E 209 -23.95 -4.52 -12.39
N GLY E 210 -23.85 -4.78 -13.69
CA GLY E 210 -23.20 -3.83 -14.57
C GLY E 210 -24.04 -2.59 -14.75
N THR E 211 -25.36 -2.77 -14.75
CA THR E 211 -26.31 -1.68 -14.90
C THR E 211 -26.30 -0.78 -13.70
N VAL E 212 -26.37 -1.39 -12.51
CA VAL E 212 -26.35 -0.64 -11.27
C VAL E 212 -25.09 0.20 -11.25
N SER E 213 -23.97 -0.41 -11.61
CA SER E 213 -22.71 0.30 -11.64
C SER E 213 -22.77 1.41 -12.66
N ARG E 214 -23.45 1.14 -13.77
CA ARG E 214 -23.57 2.12 -14.82
C ARG E 214 -24.36 3.35 -14.37
N TYR E 215 -25.48 3.15 -13.69
CA TYR E 215 -26.24 4.30 -13.24
C TYR E 215 -25.55 5.10 -12.15
N PHE E 216 -24.78 4.44 -11.30
CA PHE E 216 -24.07 5.16 -10.26
C PHE E 216 -23.17 6.15 -10.97
N MSE E 217 -22.44 5.65 -11.96
CA MSE E 217 -21.52 6.47 -12.74
C MSE E 217 -22.21 7.71 -13.31
O MSE E 217 -21.66 8.81 -13.26
CB MSE E 217 -20.93 5.58 -13.85
CG MSE E 217 -19.94 6.27 -14.78
SE MSE E 217 -20.83 6.98 -16.31
CE MSE E 217 -22.18 5.62 -16.53
N ARG E 218 -23.43 7.56 -13.82
CA ARG E 218 -24.15 8.70 -14.37
C ARG E 218 -24.47 9.70 -13.28
N ALA E 219 -25.04 9.21 -12.19
CA ALA E 219 -25.39 10.08 -11.07
C ALA E 219 -24.10 10.80 -10.65
N ARG E 220 -22.99 10.08 -10.71
CA ARG E 220 -21.74 10.70 -10.32
C ARG E 220 -21.49 11.89 -11.25
N LYS E 221 -21.52 11.67 -12.56
CA LYS E 221 -21.28 12.76 -13.51
C LYS E 221 -22.28 13.88 -13.24
N ALA E 222 -23.52 13.49 -12.95
CA ALA E 222 -24.57 14.44 -12.68
C ALA E 222 -24.28 15.29 -11.46
N SER E 223 -23.34 14.85 -10.63
CA SER E 223 -23.01 15.59 -9.43
C SER E 223 -22.08 16.77 -9.68
N GLY E 224 -21.33 16.70 -10.77
CA GLY E 224 -20.43 17.80 -11.05
C GLY E 224 -19.14 17.80 -10.25
N LEU E 225 -18.89 16.74 -9.48
CA LEU E 225 -17.66 16.65 -8.69
C LEU E 225 -16.44 16.35 -9.57
N SER E 226 -15.27 16.77 -9.10
CA SER E 226 -14.03 16.54 -9.84
C SER E 226 -13.09 15.72 -8.98
N PHE E 227 -12.25 14.91 -9.62
CA PHE E 227 -11.32 14.09 -8.87
C PHE E 227 -9.97 14.04 -9.55
N GLU E 228 -8.94 13.70 -8.78
CA GLU E 228 -7.61 13.55 -9.34
C GLU E 228 -7.61 12.18 -9.99
N GLY E 229 -7.00 12.06 -11.15
CA GLY E 229 -6.98 10.75 -11.79
C GLY E 229 -8.38 10.27 -12.09
N ASP E 230 -8.56 8.95 -12.06
CA ASP E 230 -9.85 8.37 -12.36
C ASP E 230 -10.91 8.54 -11.28
N PRO E 231 -12.18 8.64 -11.69
CA PRO E 231 -13.31 8.81 -10.76
C PRO E 231 -13.62 7.60 -9.89
N PRO E 232 -14.32 7.83 -8.78
CA PRO E 232 -14.68 6.71 -7.90
C PRO E 232 -15.74 5.92 -8.67
N THR E 233 -15.86 4.64 -8.37
CA THR E 233 -16.86 3.85 -9.06
C THR E 233 -17.76 3.23 -8.01
N PHE E 234 -18.72 2.44 -8.44
CA PHE E 234 -19.64 1.86 -7.49
C PHE E 234 -18.91 1.02 -6.47
N HIS E 235 -17.92 0.25 -6.93
CA HIS E 235 -17.18 -0.60 -6.03
C HIS E 235 -16.61 0.17 -4.85
N GLU E 236 -16.30 1.44 -5.05
CA GLU E 236 -15.72 2.23 -3.97
C GLU E 236 -16.62 2.40 -2.77
N LEU E 237 -17.88 1.99 -2.89
CA LEU E 237 -18.76 2.11 -1.76
C LEU E 237 -18.35 1.05 -0.73
N ARG E 238 -17.51 0.11 -1.16
CA ARG E 238 -17.06 -0.97 -0.30
C ARG E 238 -15.96 -0.50 0.66
N SER E 239 -14.99 0.25 0.17
CA SER E 239 -13.94 0.76 1.04
C SER E 239 -14.53 1.80 1.95
N LEU E 240 -15.45 2.60 1.41
CA LEU E 240 -16.11 3.65 2.17
C LEU E 240 -16.78 3.00 3.37
N SER E 241 -17.51 1.93 3.09
CA SER E 241 -18.20 1.18 4.09
C SER E 241 -17.16 0.73 5.11
N ALA E 242 -16.08 0.13 4.63
CA ALA E 242 -15.06 -0.35 5.54
C ALA E 242 -14.45 0.79 6.37
N ARG E 243 -14.11 1.89 5.73
CA ARG E 243 -13.51 2.98 6.48
C ARG E 243 -14.47 3.62 7.47
N LEU E 244 -15.74 3.72 7.10
CA LEU E 244 -16.74 4.30 7.99
C LEU E 244 -16.98 3.42 9.19
N TYR E 245 -17.22 2.14 8.95
CA TYR E 245 -17.46 1.21 10.04
C TYR E 245 -16.22 1.11 10.91
N GLU E 246 -15.06 1.29 10.30
CA GLU E 246 -13.78 1.25 11.00
C GLU E 246 -13.85 2.20 12.19
N LYS E 247 -14.10 3.47 11.90
CA LYS E 247 -14.16 4.50 12.93
C LYS E 247 -15.38 4.44 13.84
N GLN E 248 -16.48 3.86 13.36
CA GLN E 248 -17.72 3.77 14.14
C GLN E 248 -17.77 2.56 15.08
N ILE E 249 -17.37 1.40 14.60
CA ILE E 249 -17.40 0.21 15.41
C ILE E 249 -16.00 -0.30 15.70
N SER E 250 -15.36 -0.94 14.73
CA SER E 250 -14.01 -1.43 14.94
C SER E 250 -13.42 -2.05 13.71
N ASP E 251 -12.10 -2.16 13.74
CA ASP E 251 -11.32 -2.77 12.66
C ASP E 251 -11.84 -4.15 12.32
N LYS E 252 -11.94 -5.00 13.35
CA LYS E 252 -12.38 -6.38 13.17
C LYS E 252 -13.77 -6.49 12.58
N PHE E 253 -14.68 -5.64 13.04
CA PHE E 253 -16.02 -5.67 12.51
C PHE E 253 -15.93 -5.43 11.00
N ALA E 254 -15.29 -4.33 10.61
CA ALA E 254 -15.10 -3.97 9.21
C ALA E 254 -14.53 -5.14 8.44
N GLN E 255 -13.58 -5.80 9.08
CA GLN E 255 -12.90 -6.92 8.48
C GLN E 255 -13.79 -8.13 8.31
N HIS E 256 -14.63 -8.41 9.30
CA HIS E 256 -15.52 -9.56 9.17
C HIS E 256 -16.65 -9.27 8.20
N LEU E 257 -17.20 -8.07 8.29
CA LEU E 257 -18.30 -7.67 7.43
C LEU E 257 -17.97 -7.76 5.96
N LEU E 258 -16.81 -7.26 5.57
CA LEU E 258 -16.45 -7.31 4.18
C LEU E 258 -16.03 -8.70 3.71
N GLY E 259 -15.88 -9.63 4.66
CA GLY E 259 -15.50 -10.98 4.29
C GLY E 259 -14.04 -11.16 3.91
N HIS E 260 -13.17 -10.53 4.68
CA HIS E 260 -11.74 -10.59 4.46
C HIS E 260 -11.04 -11.43 5.47
N LYS E 261 -10.71 -12.66 5.11
CA LYS E 261 -10.00 -13.52 6.04
C LYS E 261 -8.62 -12.88 6.33
N SER E 262 -7.93 -12.46 5.27
CA SER E 262 -6.61 -11.84 5.36
C SER E 262 -6.57 -10.40 5.88
N ASP E 263 -5.39 -9.97 6.30
CA ASP E 263 -5.21 -8.62 6.82
C ASP E 263 -4.64 -7.74 5.71
N THR E 264 -3.99 -8.37 4.73
CA THR E 264 -3.43 -7.63 3.61
C THR E 264 -4.59 -6.94 2.90
N MSE E 265 -5.68 -7.68 2.73
CA MSE E 265 -6.86 -7.16 2.08
C MSE E 265 -7.61 -6.17 2.95
O MSE E 265 -8.06 -5.13 2.47
CB MSE E 265 -7.77 -8.32 1.69
CG MSE E 265 -7.34 -9.00 0.41
SE MSE E 265 -7.50 -7.73 -1.02
CE MSE E 265 -5.65 -7.51 -1.42
N ALA E 266 -7.74 -6.49 4.23
CA ALA E 266 -8.45 -5.62 5.18
C ALA E 266 -7.79 -4.25 5.32
N SER E 267 -6.49 -4.24 5.57
CA SER E 267 -5.77 -2.98 5.73
C SER E 267 -5.78 -2.20 4.41
N GLN E 268 -6.17 -2.87 3.33
CA GLN E 268 -6.22 -2.19 2.04
C GLN E 268 -7.54 -1.48 1.84
N PTR E 269 -8.66 -2.10 2.21
CA PTR E 269 -9.94 -1.43 2.08
C PTR E 269 -9.97 -0.28 3.07
O PTR E 269 -10.67 0.71 2.89
CB PTR E 269 -11.09 -2.41 2.30
CG PTR E 269 -11.44 -3.13 1.02
CD1 PTR E 269 -10.62 -4.15 0.54
CD2 PTR E 269 -12.58 -2.78 0.29
CE1 PTR E 269 -10.91 -4.77 -0.66
CE2 PTR E 269 -12.86 -3.40 -0.93
CZ PTR E 269 -12.02 -4.38 -1.41
OH PTR E 269 -12.19 -4.99 -2.63
P PTR E 269 -12.35 -6.54 -2.95
O1P PTR E 269 -13.65 -6.78 -3.60
O2P PTR E 269 -12.06 -7.25 -1.67
N ARG E 270 -9.18 -0.41 4.13
CA ARG E 270 -9.10 0.56 5.19
C ARG E 270 -8.34 1.82 4.76
N ASP E 271 -7.64 1.74 3.62
CA ASP E 271 -6.86 2.88 3.15
C ASP E 271 -7.64 3.83 2.25
N ASP E 272 -7.51 5.14 2.49
CA ASP E 272 -8.25 6.11 1.67
C ASP E 272 -7.37 6.67 0.55
N ARG E 273 -6.15 6.17 0.47
CA ARG E 273 -5.29 6.64 -0.58
C ARG E 273 -5.22 8.16 -0.71
N GLY E 274 -4.91 8.81 0.41
CA GLY E 274 -4.76 10.26 0.45
C GLY E 274 -5.96 11.16 0.29
N ARG E 275 -7.14 10.59 0.17
CA ARG E 275 -8.33 11.42 -0.01
C ARG E 275 -8.55 12.41 1.13
N GLU E 276 -8.37 11.98 2.38
CA GLU E 276 -8.59 12.87 3.51
C GLU E 276 -7.60 12.76 4.64
N TRP E 277 -7.75 13.67 5.60
CA TRP E 277 -6.91 13.71 6.79
C TRP E 277 -7.55 12.82 7.84
N ASP E 278 -6.78 11.85 8.32
CA ASP E 278 -7.29 10.92 9.32
C ASP E 278 -7.21 11.51 10.73
N LYS E 279 -8.35 11.96 11.24
CA LYS E 279 -8.39 12.56 12.57
C LYS E 279 -8.27 11.46 13.62
N ILE E 280 -7.08 11.36 14.23
CA ILE E 280 -6.79 10.33 15.22
C ILE E 280 -7.53 10.45 16.55
N GLU E 281 -8.27 9.39 16.87
CA GLU E 281 -9.06 9.31 18.10
C GLU E 281 -8.28 8.59 19.19
N ILE E 282 -8.51 9.00 20.43
CA ILE E 282 -7.83 8.38 21.55
C ILE E 282 -8.71 7.23 22.03
N LYS E 283 -8.80 6.18 21.22
CA LYS E 283 -9.62 5.03 21.56
C LYS E 283 -8.74 3.78 21.76
#